data_1PZT
#
_entry.id   1PZT
#
_cell.length_a   92.199
_cell.length_b   39.301
_cell.length_c   78.539
_cell.angle_alpha   90.00
_cell.angle_beta   108.07
_cell.angle_gamma   90.00
#
_symmetry.space_group_name_H-M   'C 1 2 1'
#
loop_
_entity.id
_entity.type
_entity.pdbx_description
1 polymer 'Beta-1,4-galactosyltransferase 1'
2 non-polymer 'SULFATE ION'
3 water water
#
_entity_poly.entity_id   1
_entity_poly.type   'polypeptide(L)'
_entity_poly.pdbx_seq_one_letter_code
;ASMTGGQQMGRGSSLTACPEESPLLVGPMLIEFNIPVDLKLVEQQNPKVKLGGRYTPMDCISPHKVAIIIPFRNRQEHLK
YWLYYLHPILQRQQLDYGIYVINQAGESMFNRAKLLNVGFKEALKDYDYNCFVFSDVDLIPMNDHNTYRCFSQPRHISVA
MDKFGFSLPYVQYFGGVSALSKQQFLSINGFPNNYWGAGGEDDDIYNRLAFRGMSVSRPNAVIGKTRMIRHSRDKKNEPN
PQRFDRIAHTKETMLSDGLNSLTYMVLEVQRYPLYTKITVDIGTPS
;
_entity_poly.pdbx_strand_id   A
#
loop_
_chem_comp.id
_chem_comp.type
_chem_comp.name
_chem_comp.formula
SO4 non-polymer 'SULFATE ION' 'O4 S -2'
#
# COMPACT_ATOMS: atom_id res chain seq x y z
N THR A 16 18.72 16.68 -15.76
CA THR A 16 18.06 15.37 -16.03
C THR A 16 17.27 14.77 -14.85
N ALA A 17 17.61 15.12 -13.61
CA ALA A 17 16.87 14.60 -12.46
C ALA A 17 15.48 15.24 -12.42
N CYS A 18 14.45 14.46 -12.09
CA CYS A 18 13.10 15.01 -12.04
C CYS A 18 12.99 16.08 -10.93
N PRO A 19 12.20 17.13 -11.16
CA PRO A 19 12.03 18.20 -10.16
C PRO A 19 11.51 17.67 -8.82
N GLU A 20 11.86 18.36 -7.73
CA GLU A 20 11.41 17.93 -6.41
C GLU A 20 9.88 17.91 -6.34
N GLU A 21 9.23 18.90 -6.97
CA GLU A 21 7.77 18.95 -7.05
C GLU A 21 7.39 18.87 -8.54
N SER A 22 6.54 17.92 -8.91
CA SER A 22 6.12 17.77 -10.31
C SER A 22 5.29 18.94 -10.84
N PRO A 23 5.54 19.34 -12.11
CA PRO A 23 4.82 20.44 -12.76
C PRO A 23 3.50 19.98 -13.37
N LEU A 24 3.27 18.67 -13.33
CA LEU A 24 2.06 18.08 -13.88
C LEU A 24 0.87 17.95 -12.92
N LEU A 25 1.10 18.24 -11.63
CA LEU A 25 0.07 18.11 -10.59
C LEU A 25 -1.16 19.00 -10.76
N VAL A 26 -2.33 18.49 -10.39
CA VAL A 26 -3.57 19.29 -10.49
C VAL A 26 -4.15 19.67 -9.13
N GLY A 27 -3.71 18.98 -8.08
CA GLY A 27 -4.21 19.30 -6.75
C GLY A 27 -5.44 18.49 -6.40
N PRO A 28 -6.49 19.12 -5.85
CA PRO A 28 -7.74 18.45 -5.47
C PRO A 28 -8.39 17.77 -6.68
N MET A 29 -8.89 16.55 -6.49
CA MET A 29 -9.50 15.82 -7.58
C MET A 29 -10.92 15.38 -7.26
N LEU A 30 -11.68 15.12 -8.31
CA LEU A 30 -13.05 14.67 -8.16
C LEU A 30 -13.03 13.14 -8.16
N ILE A 31 -13.15 12.56 -6.97
CA ILE A 31 -13.14 11.11 -6.81
C ILE A 31 -14.55 10.53 -6.58
N GLU A 32 -15.13 9.95 -7.62
CA GLU A 32 -16.45 9.36 -7.56
C GLU A 32 -16.44 7.91 -8.05
N PHE A 33 -17.30 7.08 -7.46
CA PHE A 33 -17.34 5.68 -7.85
C PHE A 33 -18.70 5.28 -8.42
N ASN A 34 -19.52 6.28 -8.73
CA ASN A 34 -20.83 6.02 -9.29
C ASN A 34 -20.79 6.10 -10.81
N ILE A 35 -19.67 5.69 -11.39
CA ILE A 35 -19.48 5.70 -12.84
C ILE A 35 -19.05 4.32 -13.31
N PRO A 36 -19.22 4.04 -14.61
CA PRO A 36 -18.83 2.73 -15.17
C PRO A 36 -17.35 2.71 -15.55
N VAL A 37 -16.67 1.62 -15.18
CA VAL A 37 -15.26 1.45 -15.49
C VAL A 37 -14.94 -0.01 -15.81
N ASP A 38 -13.99 -0.22 -16.70
CA ASP A 38 -13.53 -1.56 -17.02
C ASP A 38 -12.04 -1.46 -17.36
N LEU A 39 -11.30 -2.54 -17.19
CA LEU A 39 -9.85 -2.50 -17.46
C LEU A 39 -9.53 -2.05 -18.88
N LYS A 40 -10.39 -2.39 -19.84
CA LYS A 40 -10.15 -1.99 -21.22
C LYS A 40 -10.07 -0.46 -21.29
N LEU A 41 -10.96 0.22 -20.57
CA LEU A 41 -10.98 1.68 -20.55
C LEU A 41 -9.67 2.25 -19.97
N VAL A 42 -9.20 1.62 -18.90
CA VAL A 42 -7.97 2.05 -18.22
C VAL A 42 -6.72 1.87 -19.10
N GLU A 43 -6.61 0.73 -19.77
CA GLU A 43 -5.45 0.49 -20.63
C GLU A 43 -5.41 1.51 -21.76
N GLN A 44 -6.59 1.92 -22.22
CA GLN A 44 -6.72 2.89 -23.29
C GLN A 44 -6.25 4.28 -22.86
N GLN A 45 -6.55 4.68 -21.62
CA GLN A 45 -6.16 6.00 -21.13
C GLN A 45 -4.70 6.07 -20.70
N ASN A 46 -4.04 4.92 -20.51
CA ASN A 46 -2.65 4.90 -20.06
C ASN A 46 -1.70 4.11 -20.97
N PRO A 47 -1.44 4.63 -22.19
CA PRO A 47 -0.58 4.06 -23.24
C PRO A 47 0.88 3.80 -22.85
N LYS A 48 1.41 4.62 -21.96
CA LYS A 48 2.80 4.46 -21.56
C LYS A 48 3.11 3.40 -20.49
N VAL A 49 2.08 2.78 -19.92
CA VAL A 49 2.28 1.72 -18.92
C VAL A 49 2.61 0.40 -19.62
N LYS A 50 3.70 -0.23 -19.21
CA LYS A 50 4.16 -1.50 -19.80
C LYS A 50 3.64 -2.74 -19.05
N LEU A 51 3.80 -3.91 -19.68
CA LEU A 51 3.34 -5.18 -19.14
C LEU A 51 3.70 -5.35 -17.67
N GLY A 52 2.74 -5.79 -16.86
CA GLY A 52 3.01 -5.98 -15.44
C GLY A 52 2.73 -4.71 -14.64
N GLY A 53 2.27 -3.67 -15.32
CA GLY A 53 1.97 -2.41 -14.67
C GLY A 53 3.20 -1.61 -14.32
N ARG A 54 4.17 -1.55 -15.24
CA ARG A 54 5.41 -0.81 -15.02
C ARG A 54 5.51 0.51 -15.80
N TYR A 55 6.01 1.56 -15.16
CA TYR A 55 6.18 2.86 -15.79
C TYR A 55 7.48 3.51 -15.33
N THR A 56 8.14 4.22 -16.23
CA THR A 56 9.39 4.92 -15.92
C THR A 56 9.39 6.23 -16.68
N PRO A 57 9.56 7.37 -15.97
CA PRO A 57 9.58 8.69 -16.62
C PRO A 57 10.55 8.74 -17.81
N MET A 58 10.10 9.31 -18.91
CA MET A 58 10.94 9.39 -20.10
C MET A 58 11.65 10.75 -20.28
N ASP A 59 11.12 11.80 -19.67
CA ASP A 59 11.71 13.13 -19.80
C ASP A 59 12.57 13.65 -18.63
N CYS A 60 12.85 12.77 -17.66
CA CYS A 60 13.69 13.06 -16.50
C CYS A 60 13.98 11.74 -15.75
N ILE A 61 14.99 11.77 -14.87
CA ILE A 61 15.36 10.60 -14.10
C ILE A 61 14.80 10.64 -12.68
N SER A 62 13.93 9.69 -12.34
CA SER A 62 13.34 9.66 -11.01
C SER A 62 14.18 8.87 -10.02
N PRO A 63 14.40 9.42 -8.81
CA PRO A 63 15.19 8.72 -7.80
C PRO A 63 14.32 7.73 -7.00
N HIS A 64 13.00 7.82 -7.19
CA HIS A 64 12.07 6.95 -6.48
C HIS A 64 11.68 5.73 -7.32
N LYS A 65 12.21 4.57 -6.95
CA LYS A 65 11.90 3.32 -7.65
C LYS A 65 10.91 2.65 -6.66
N VAL A 66 9.62 2.85 -6.92
CA VAL A 66 8.56 2.39 -6.02
C VAL A 66 7.73 1.17 -6.39
N ALA A 67 7.60 0.25 -5.43
CA ALA A 67 6.75 -0.93 -5.63
C ALA A 67 5.51 -0.67 -4.78
N ILE A 68 4.33 -0.62 -5.41
CA ILE A 68 3.07 -0.44 -4.67
C ILE A 68 2.50 -1.85 -4.44
N ILE A 69 2.38 -2.23 -3.16
CA ILE A 69 1.93 -3.56 -2.76
C ILE A 69 0.49 -3.57 -2.24
N ILE A 70 -0.37 -4.36 -2.86
CA ILE A 70 -1.79 -4.44 -2.46
C ILE A 70 -2.18 -5.85 -1.96
N PRO A 71 -2.52 -5.99 -0.65
CA PRO A 71 -2.93 -7.29 -0.08
C PRO A 71 -4.33 -7.53 -0.66
N PHE A 72 -4.61 -8.74 -1.12
CA PHE A 72 -5.86 -8.96 -1.85
C PHE A 72 -6.52 -10.34 -1.75
N ARG A 73 -7.86 -10.33 -1.82
CA ARG A 73 -8.65 -11.55 -1.91
C ARG A 73 -10.10 -11.25 -2.34
N ASN A 74 -10.45 -11.74 -3.53
CA ASN A 74 -11.79 -11.61 -4.08
C ASN A 74 -12.38 -10.19 -4.07
N ARG A 75 -11.65 -9.23 -4.63
CA ARG A 75 -12.13 -7.85 -4.68
C ARG A 75 -11.82 -7.22 -6.04
N GLN A 76 -12.06 -7.98 -7.10
CA GLN A 76 -11.79 -7.51 -8.45
C GLN A 76 -12.49 -6.19 -8.80
N GLU A 77 -13.73 -6.02 -8.36
CA GLU A 77 -14.47 -4.80 -8.67
C GLU A 77 -13.73 -3.56 -8.12
N HIS A 78 -13.31 -3.64 -6.85
CA HIS A 78 -12.57 -2.53 -6.22
C HIS A 78 -11.27 -2.23 -6.97
N LEU A 79 -10.57 -3.29 -7.38
CA LEU A 79 -9.30 -3.17 -8.09
C LEU A 79 -9.44 -2.32 -9.36
N LYS A 80 -10.50 -2.53 -10.13
CA LYS A 80 -10.69 -1.74 -11.36
C LYS A 80 -10.69 -0.24 -11.09
N TYR A 81 -11.46 0.19 -10.09
CA TYR A 81 -11.53 1.60 -9.76
C TYR A 81 -10.17 2.12 -9.25
N TRP A 82 -9.46 1.30 -8.48
CA TRP A 82 -8.15 1.67 -7.98
C TRP A 82 -7.19 1.98 -9.14
N LEU A 83 -7.11 1.07 -10.10
CA LEU A 83 -6.22 1.26 -11.27
C LEU A 83 -6.64 2.48 -12.09
N TYR A 84 -7.96 2.65 -12.24
CA TYR A 84 -8.52 3.78 -13.00
C TYR A 84 -7.98 5.13 -12.48
N TYR A 85 -8.05 5.32 -11.17
CA TYR A 85 -7.58 6.55 -10.54
C TYR A 85 -6.08 6.68 -10.28
N LEU A 86 -5.46 5.62 -9.77
CA LEU A 86 -4.02 5.70 -9.44
C LEU A 86 -3.02 5.72 -10.59
N HIS A 87 -3.26 5.02 -11.69
CA HIS A 87 -2.24 5.04 -12.74
C HIS A 87 -1.98 6.47 -13.25
N PRO A 88 -3.06 7.25 -13.50
CA PRO A 88 -2.80 8.63 -13.98
C PRO A 88 -2.05 9.45 -12.92
N ILE A 89 -2.44 9.29 -11.66
CA ILE A 89 -1.79 10.02 -10.56
C ILE A 89 -0.30 9.68 -10.41
N LEU A 90 0.03 8.38 -10.39
CA LEU A 90 1.41 7.96 -10.21
C LEU A 90 2.31 8.48 -11.33
N GLN A 91 1.77 8.54 -12.54
CA GLN A 91 2.51 9.06 -13.69
C GLN A 91 2.72 10.57 -13.53
N ARG A 92 1.69 11.29 -13.09
CA ARG A 92 1.84 12.73 -12.87
C ARG A 92 2.86 13.02 -11.76
N GLN A 93 2.98 12.10 -10.81
CA GLN A 93 3.93 12.28 -9.70
C GLN A 93 5.37 11.89 -10.11
N GLN A 94 5.54 11.56 -11.39
CA GLN A 94 6.86 11.21 -11.96
C GLN A 94 7.67 10.15 -11.20
N LEU A 95 7.04 9.01 -10.91
CA LEU A 95 7.70 7.92 -10.20
C LEU A 95 8.05 6.79 -11.18
N ASP A 96 9.07 5.99 -10.83
CA ASP A 96 9.53 4.80 -11.58
C ASP A 96 8.86 3.72 -10.74
N TYR A 97 7.69 3.24 -11.17
CA TYR A 97 6.93 2.30 -10.35
C TYR A 97 6.38 1.03 -10.99
N GLY A 98 5.92 0.14 -10.12
CA GLY A 98 5.33 -1.12 -10.54
C GLY A 98 4.18 -1.47 -9.61
N ILE A 99 3.15 -2.14 -10.10
CA ILE A 99 2.00 -2.49 -9.26
C ILE A 99 1.97 -4.01 -8.99
N TYR A 100 1.89 -4.41 -7.71
CA TYR A 100 1.83 -5.82 -7.34
C TYR A 100 0.61 -6.17 -6.47
N VAL A 101 -0.20 -7.12 -6.94
CA VAL A 101 -1.39 -7.56 -6.21
C VAL A 101 -1.07 -8.95 -5.61
N ILE A 102 -0.98 -9.02 -4.29
CA ILE A 102 -0.66 -10.26 -3.58
C ILE A 102 -1.96 -10.96 -3.15
N ASN A 103 -2.32 -12.00 -3.89
CA ASN A 103 -3.55 -12.77 -3.68
C ASN A 103 -3.41 -13.99 -2.76
N GLN A 104 -4.17 -13.97 -1.67
CA GLN A 104 -4.17 -15.06 -0.68
C GLN A 104 -5.04 -16.23 -1.08
N ALA A 105 -4.41 -17.36 -1.40
CA ALA A 105 -5.13 -18.57 -1.80
C ALA A 105 -5.78 -19.20 -0.56
N GLY A 106 -6.84 -19.97 -0.77
CA GLY A 106 -7.51 -20.63 0.33
C GLY A 106 -8.56 -19.80 1.02
N GLU A 107 -9.16 -20.35 2.07
CA GLU A 107 -10.20 -19.66 2.81
C GLU A 107 -9.87 -19.42 4.29
N SER A 108 -8.60 -19.43 4.64
CA SER A 108 -8.22 -19.19 6.02
C SER A 108 -8.43 -17.69 6.32
N MET A 109 -8.32 -17.30 7.60
CA MET A 109 -8.50 -15.90 7.96
C MET A 109 -7.53 -15.00 7.20
N PHE A 110 -8.02 -13.85 6.77
CA PHE A 110 -7.21 -12.89 6.01
C PHE A 110 -6.04 -12.37 6.84
N ASN A 111 -4.83 -12.49 6.30
CA ASN A 111 -3.63 -12.05 6.98
C ASN A 111 -2.94 -10.92 6.19
N ARG A 112 -3.43 -9.69 6.37
CA ARG A 112 -2.91 -8.52 5.69
C ARG A 112 -1.38 -8.31 5.76
N ALA A 113 -0.83 -8.30 6.98
CA ALA A 113 0.60 -8.08 7.17
C ALA A 113 1.52 -9.10 6.53
N LYS A 114 1.15 -10.39 6.58
CA LYS A 114 2.01 -11.41 5.97
C LYS A 114 1.98 -11.29 4.45
N LEU A 115 0.85 -10.88 3.88
CA LEU A 115 0.82 -10.70 2.42
C LEU A 115 1.70 -9.50 2.04
N LEU A 116 1.75 -8.49 2.91
CA LEU A 116 2.59 -7.32 2.64
C LEU A 116 4.08 -7.74 2.65
N ASN A 117 4.46 -8.67 3.54
CA ASN A 117 5.87 -9.17 3.57
C ASN A 117 6.19 -9.89 2.24
N VAL A 118 5.29 -10.77 1.80
CA VAL A 118 5.44 -11.50 0.53
C VAL A 118 5.65 -10.50 -0.62
N GLY A 119 4.87 -9.42 -0.61
CA GLY A 119 4.99 -8.39 -1.64
C GLY A 119 6.39 -7.78 -1.74
N PHE A 120 6.95 -7.41 -0.59
CA PHE A 120 8.29 -6.84 -0.50
C PHE A 120 9.29 -7.78 -1.16
N LYS A 121 9.27 -9.04 -0.74
CA LYS A 121 10.20 -10.04 -1.25
C LYS A 121 10.02 -10.33 -2.74
N GLU A 122 8.79 -10.55 -3.19
CA GLU A 122 8.55 -10.84 -4.60
C GLU A 122 8.86 -9.67 -5.55
N ALA A 123 8.53 -8.45 -5.15
CA ALA A 123 8.81 -7.30 -6.01
C ALA A 123 10.32 -7.13 -6.22
N LEU A 124 11.11 -7.38 -5.18
CA LEU A 124 12.56 -7.26 -5.30
C LEU A 124 13.17 -8.32 -6.22
N LYS A 125 12.42 -9.37 -6.54
CA LYS A 125 12.95 -10.38 -7.47
C LYS A 125 12.92 -9.80 -8.88
N ASP A 126 12.06 -8.80 -9.09
CA ASP A 126 11.90 -8.13 -10.38
C ASP A 126 12.85 -6.97 -10.67
N TYR A 127 12.97 -6.07 -9.70
CA TYR A 127 13.72 -4.84 -9.92
C TYR A 127 14.31 -4.36 -8.61
N ASP A 128 15.35 -3.54 -8.67
CA ASP A 128 15.95 -3.05 -7.43
C ASP A 128 15.25 -1.80 -6.86
N TYR A 129 14.03 -2.04 -6.36
CA TYR A 129 13.21 -1.00 -5.77
C TYR A 129 13.87 -0.50 -4.49
N ASN A 130 13.69 0.78 -4.18
CA ASN A 130 14.26 1.34 -2.95
C ASN A 130 13.16 1.92 -2.05
N CYS A 131 11.91 1.75 -2.49
CA CYS A 131 10.76 2.28 -1.74
C CYS A 131 9.54 1.38 -1.89
N PHE A 132 8.76 1.23 -0.83
CA PHE A 132 7.58 0.38 -0.85
C PHE A 132 6.34 1.06 -0.31
N VAL A 133 5.26 1.08 -1.11
CA VAL A 133 4.00 1.67 -0.67
C VAL A 133 3.00 0.51 -0.45
N PHE A 134 2.54 0.34 0.78
CA PHE A 134 1.58 -0.72 1.14
C PHE A 134 0.18 -0.08 1.19
N SER A 135 -0.69 -0.49 0.27
CA SER A 135 -2.04 0.09 0.16
C SER A 135 -3.20 -0.89 0.09
N ASP A 136 -4.27 -0.62 0.85
CA ASP A 136 -5.47 -1.45 0.77
C ASP A 136 -6.02 -1.19 -0.64
N VAL A 137 -6.82 -2.13 -1.14
CA VAL A 137 -7.34 -2.01 -2.50
C VAL A 137 -8.51 -1.02 -2.66
N ASP A 138 -9.11 -0.59 -1.55
CA ASP A 138 -10.24 0.32 -1.61
C ASP A 138 -9.99 1.77 -1.23
N LEU A 139 -8.73 2.19 -1.18
CA LEU A 139 -8.42 3.56 -0.78
C LEU A 139 -7.80 4.39 -1.91
N ILE A 140 -8.45 5.52 -2.24
CA ILE A 140 -7.99 6.43 -3.30
C ILE A 140 -7.69 7.83 -2.74
N PRO A 141 -6.50 8.39 -3.05
CA PRO A 141 -6.19 9.74 -2.52
C PRO A 141 -6.98 10.83 -3.26
N MET A 142 -7.33 11.90 -2.56
CA MET A 142 -8.11 12.99 -3.17
C MET A 142 -7.30 14.22 -3.63
N ASN A 143 -5.99 14.24 -3.36
CA ASN A 143 -5.15 15.37 -3.78
C ASN A 143 -3.83 14.79 -4.29
N ASP A 144 -3.41 15.12 -5.52
CA ASP A 144 -2.18 14.54 -6.04
C ASP A 144 -0.89 15.13 -5.50
N HIS A 145 -0.99 16.02 -4.52
CA HIS A 145 0.21 16.54 -3.87
C HIS A 145 0.60 15.57 -2.74
N ASN A 146 -0.24 14.56 -2.49
CA ASN A 146 0.01 13.53 -1.47
C ASN A 146 0.82 12.47 -2.22
N THR A 147 2.13 12.71 -2.34
CA THR A 147 3.05 11.85 -3.08
C THR A 147 3.26 10.42 -2.56
N TYR A 148 3.08 9.45 -3.47
CA TYR A 148 3.24 8.04 -3.13
C TYR A 148 4.71 7.62 -3.24
N ARG A 149 5.54 8.20 -2.35
CA ARG A 149 6.97 7.88 -2.33
C ARG A 149 7.47 7.81 -0.88
N CYS A 150 8.77 7.59 -0.71
CA CYS A 150 9.38 7.47 0.62
C CYS A 150 10.05 8.75 1.13
N PHE A 151 10.10 8.89 2.45
CA PHE A 151 10.68 10.08 3.08
C PHE A 151 11.77 9.71 4.08
N SER A 152 12.35 10.71 4.75
CA SER A 152 13.41 10.46 5.73
C SER A 152 12.95 9.66 6.96
N GLN A 153 11.64 9.54 7.13
CA GLN A 153 11.03 8.77 8.21
C GLN A 153 9.80 8.07 7.60
N PRO A 154 9.37 6.91 8.18
CA PRO A 154 8.20 6.18 7.69
C PRO A 154 7.04 7.15 7.43
N ARG A 155 6.37 6.99 6.29
CA ARG A 155 5.29 7.89 5.91
C ARG A 155 3.86 7.33 6.01
N HIS A 156 2.96 8.03 6.70
CA HIS A 156 1.55 7.59 6.78
C HIS A 156 0.83 8.48 5.76
N ILE A 157 0.30 7.86 4.71
CA ILE A 157 -0.38 8.55 3.60
C ILE A 157 -1.90 8.81 3.70
N SER A 158 -2.68 7.79 4.09
CA SER A 158 -4.14 7.96 4.19
C SER A 158 -4.50 8.57 5.54
N VAL A 159 -4.23 9.86 5.68
CA VAL A 159 -4.45 10.59 6.92
C VAL A 159 -5.90 10.86 7.31
N ALA A 160 -6.72 11.32 6.36
CA ALA A 160 -8.11 11.65 6.68
C ALA A 160 -9.07 10.91 5.74
N MET A 161 -9.48 9.71 6.14
CA MET A 161 -10.37 8.88 5.33
C MET A 161 -11.84 9.14 5.61
N ASP A 162 -12.66 9.14 4.56
CA ASP A 162 -14.08 9.39 4.74
C ASP A 162 -14.75 8.35 5.62
N LYS A 163 -14.25 7.11 5.61
CA LYS A 163 -14.85 6.07 6.43
C LYS A 163 -14.70 6.35 7.92
N PHE A 164 -13.78 7.24 8.28
CA PHE A 164 -13.57 7.62 9.69
C PHE A 164 -13.98 9.08 9.93
N GLY A 165 -14.90 9.60 9.11
CA GLY A 165 -15.35 10.98 9.22
C GLY A 165 -14.31 12.03 8.86
N PHE A 166 -13.37 11.70 7.96
CA PHE A 166 -12.29 12.61 7.58
C PHE A 166 -11.46 13.09 8.77
N SER A 167 -11.23 12.20 9.72
CA SER A 167 -10.42 12.50 10.90
C SER A 167 -9.44 11.34 11.14
N LEU A 168 -8.27 11.66 11.70
CA LEU A 168 -7.26 10.66 12.05
C LEU A 168 -7.70 10.06 13.39
N PRO A 169 -7.96 8.74 13.46
CA PRO A 169 -8.40 8.09 14.70
C PRO A 169 -7.59 8.48 15.95
N TYR A 170 -6.27 8.34 15.87
CA TYR A 170 -5.37 8.70 16.96
C TYR A 170 -3.99 8.94 16.36
N VAL A 171 -3.13 9.68 17.06
CA VAL A 171 -1.82 10.01 16.51
C VAL A 171 -0.91 8.84 16.15
N GLN A 172 -1.13 7.67 16.74
CA GLN A 172 -0.30 6.49 16.44
C GLN A 172 -0.91 5.58 15.36
N TYR A 173 -2.06 5.95 14.82
CA TYR A 173 -2.73 5.15 13.78
C TYR A 173 -1.90 5.07 12.48
N PHE A 174 -1.56 3.84 12.07
CA PHE A 174 -0.74 3.63 10.88
C PHE A 174 -1.37 2.69 9.84
N GLY A 175 -2.69 2.63 9.77
CA GLY A 175 -3.35 1.75 8.81
C GLY A 175 -3.76 2.40 7.50
N GLY A 176 -4.24 1.59 6.56
CA GLY A 176 -4.69 2.11 5.27
C GLY A 176 -3.63 2.16 4.17
N VAL A 177 -2.93 3.29 4.08
CA VAL A 177 -1.86 3.47 3.10
C VAL A 177 -0.63 4.06 3.81
N SER A 178 0.53 3.45 3.62
CA SER A 178 1.76 3.96 4.22
C SER A 178 2.94 3.61 3.33
N ALA A 179 4.10 4.22 3.58
CA ALA A 179 5.29 3.93 2.78
C ALA A 179 6.57 3.83 3.62
N LEU A 180 7.41 2.84 3.31
CA LEU A 180 8.70 2.66 4.00
C LEU A 180 9.80 2.38 2.97
N SER A 181 10.96 3.00 3.17
CA SER A 181 12.10 2.78 2.29
C SER A 181 12.58 1.35 2.54
N LYS A 182 13.39 0.81 1.63
CA LYS A 182 13.93 -0.53 1.79
C LYS A 182 14.67 -0.65 3.12
N GLN A 183 15.50 0.35 3.45
CA GLN A 183 16.24 0.30 4.72
C GLN A 183 15.37 0.43 5.97
N GLN A 184 14.30 1.23 5.87
CA GLN A 184 13.38 1.39 7.01
C GLN A 184 12.68 0.06 7.28
N PHE A 185 12.29 -0.64 6.20
CA PHE A 185 11.60 -1.93 6.31
C PHE A 185 12.53 -3.03 6.87
N LEU A 186 13.76 -3.12 6.36
CA LEU A 186 14.71 -4.11 6.87
C LEU A 186 15.05 -3.86 8.35
N SER A 187 15.07 -2.59 8.74
CA SER A 187 15.38 -2.20 10.12
C SER A 187 14.42 -2.77 11.17
N ILE A 188 13.14 -2.93 10.85
CA ILE A 188 12.18 -3.50 11.81
C ILE A 188 11.90 -5.00 11.59
N ASN A 189 12.72 -5.65 10.78
CA ASN A 189 12.53 -7.07 10.43
C ASN A 189 11.17 -7.25 9.76
N GLY A 190 10.79 -6.28 8.95
CA GLY A 190 9.50 -6.36 8.26
C GLY A 190 8.30 -6.30 9.18
N PHE A 191 7.20 -6.91 8.76
CA PHE A 191 5.95 -6.92 9.53
C PHE A 191 5.67 -8.28 10.21
N PRO A 192 4.77 -8.29 11.23
CA PRO A 192 4.44 -9.54 11.94
C PRO A 192 3.72 -10.53 11.01
N ASN A 193 3.96 -11.83 11.23
CA ASN A 193 3.38 -12.87 10.38
C ASN A 193 2.20 -13.64 10.98
N ASN A 194 1.99 -13.49 12.28
CA ASN A 194 0.92 -14.24 12.92
C ASN A 194 -0.31 -13.53 13.48
N TYR A 195 -0.70 -12.43 12.85
CA TYR A 195 -1.93 -11.73 13.24
C TYR A 195 -2.94 -12.22 12.20
N TRP A 196 -3.66 -13.31 12.51
CA TRP A 196 -4.65 -13.87 11.60
C TRP A 196 -6.02 -13.27 11.85
N GLY A 197 -6.65 -12.79 10.78
CA GLY A 197 -7.94 -12.15 10.92
C GLY A 197 -7.67 -10.66 10.89
N ALA A 198 -8.68 -9.85 11.20
CA ALA A 198 -8.47 -8.41 11.17
C ALA A 198 -8.17 -7.74 12.50
N GLY A 199 -7.44 -6.62 12.43
CA GLY A 199 -7.11 -5.85 13.62
C GLY A 199 -5.79 -6.12 14.31
N GLY A 200 -5.26 -5.09 14.95
CA GLY A 200 -4.01 -5.19 15.69
C GLY A 200 -2.67 -5.18 14.96
N GLU A 201 -2.60 -5.69 13.74
CA GLU A 201 -1.31 -5.72 13.03
C GLU A 201 -0.74 -4.34 12.71
N ASP A 202 -1.59 -3.34 12.51
CA ASP A 202 -1.09 -2.01 12.21
C ASP A 202 -0.55 -1.30 13.45
N ASP A 203 -1.06 -1.60 14.64
CA ASP A 203 -0.53 -0.98 15.84
C ASP A 203 0.82 -1.63 16.18
N ASP A 204 0.97 -2.91 15.79
CA ASP A 204 2.22 -3.64 16.05
C ASP A 204 3.34 -3.00 15.22
N ILE A 205 3.07 -2.77 13.95
CA ILE A 205 4.05 -2.16 13.05
C ILE A 205 4.47 -0.78 13.56
N TYR A 206 3.51 -0.01 14.07
CA TYR A 206 3.83 1.31 14.62
C TYR A 206 4.80 1.11 15.79
N ASN A 207 4.54 0.11 16.62
CA ASN A 207 5.40 -0.16 17.77
C ASN A 207 6.82 -0.51 17.31
N ARG A 208 6.92 -1.26 16.21
CA ARG A 208 8.22 -1.67 15.66
C ARG A 208 9.06 -0.48 15.24
N LEU A 209 8.45 0.46 14.53
CA LEU A 209 9.14 1.67 14.07
C LEU A 209 9.66 2.45 15.27
N ALA A 210 8.82 2.62 16.28
CA ALA A 210 9.20 3.36 17.49
C ALA A 210 10.34 2.69 18.23
N PHE A 211 10.34 1.35 18.28
CA PHE A 211 11.38 0.60 18.97
C PHE A 211 12.71 0.70 18.25
N ARG A 212 12.68 1.02 16.96
CA ARG A 212 13.93 1.15 16.22
C ARG A 212 14.32 2.62 16.07
N GLY A 213 13.77 3.47 16.93
CA GLY A 213 14.11 4.89 16.90
C GLY A 213 13.58 5.74 15.75
N MET A 214 12.46 5.35 15.15
CA MET A 214 11.88 6.13 14.06
C MET A 214 10.54 6.75 14.48
N SER A 215 10.05 7.71 13.70
CA SER A 215 8.77 8.36 13.98
C SER A 215 7.94 8.40 12.69
N VAL A 216 6.70 8.86 12.77
CA VAL A 216 5.82 8.91 11.60
C VAL A 216 5.68 10.30 10.97
N SER A 217 5.93 10.39 9.66
CA SER A 217 5.82 11.65 8.89
C SER A 217 4.45 11.66 8.18
N ARG A 218 3.78 12.80 8.12
CA ARG A 218 2.48 12.88 7.45
C ARG A 218 2.19 14.23 6.76
N PRO A 219 1.32 14.23 5.74
CA PRO A 219 0.96 15.48 5.06
C PRO A 219 -0.15 16.01 5.99
N ASN A 220 -0.72 17.18 5.72
CA ASN A 220 -1.79 17.65 6.61
C ASN A 220 -3.13 17.00 6.22
N ALA A 221 -4.16 17.19 7.05
CA ALA A 221 -5.45 16.56 6.80
C ALA A 221 -6.14 16.89 5.47
N VAL A 222 -5.93 18.09 4.93
CA VAL A 222 -6.55 18.48 3.67
C VAL A 222 -5.87 17.82 2.47
N ILE A 223 -4.55 17.85 2.44
CA ILE A 223 -3.82 17.22 1.34
C ILE A 223 -3.91 15.68 1.48
N GLY A 224 -4.18 15.24 2.70
CA GLY A 224 -4.28 13.81 2.99
C GLY A 224 -5.67 13.21 2.92
N LYS A 225 -6.65 13.96 2.43
CA LYS A 225 -8.02 13.46 2.31
C LYS A 225 -8.01 12.22 1.42
N THR A 226 -8.65 11.16 1.90
CA THR A 226 -8.69 9.89 1.19
C THR A 226 -10.10 9.33 1.15
N ARG A 227 -10.43 8.71 0.02
CA ARG A 227 -11.75 8.14 -0.19
C ARG A 227 -11.74 6.61 -0.21
N MET A 228 -12.80 5.99 0.34
CA MET A 228 -12.90 4.53 0.33
C MET A 228 -14.03 4.06 -0.58
N ILE A 229 -13.80 2.98 -1.33
CA ILE A 229 -14.85 2.44 -2.19
C ILE A 229 -15.76 1.65 -1.25
N ARG A 230 -17.04 2.00 -1.17
CA ARG A 230 -17.94 1.32 -0.26
C ARG A 230 -18.30 -0.12 -0.62
N HIS A 231 -18.29 -0.99 0.37
CA HIS A 231 -18.63 -2.38 0.14
C HIS A 231 -20.12 -2.59 0.35
N SER A 232 -20.87 -2.74 -0.74
CA SER A 232 -22.30 -2.95 -0.65
C SER A 232 -22.67 -3.94 0.44
N ARG A 233 -21.79 -4.92 0.67
CA ARG A 233 -22.04 -5.90 1.70
C ARG A 233 -22.00 -5.29 3.08
N ASP A 234 -20.92 -4.58 3.38
CA ASP A 234 -20.76 -3.95 4.69
C ASP A 234 -21.86 -2.97 5.06
N LYS A 235 -22.78 -3.44 5.91
CA LYS A 235 -23.90 -2.63 6.37
C LYS A 235 -23.76 -2.27 7.84
N LYS A 236 -23.05 -3.12 8.59
CA LYS A 236 -22.81 -2.93 10.02
C LYS A 236 -21.88 -1.74 10.24
N ASN A 237 -22.21 -0.92 11.23
CA ASN A 237 -21.41 0.26 11.53
C ASN A 237 -21.05 0.35 13.01
N GLU A 238 -19.80 0.72 13.28
CA GLU A 238 -19.33 0.86 14.66
C GLU A 238 -18.37 2.04 14.74
N PRO A 239 -18.05 2.51 15.96
CA PRO A 239 -17.15 3.64 16.20
C PRO A 239 -15.74 3.52 15.60
N ASN A 240 -15.07 4.66 15.41
CA ASN A 240 -13.71 4.67 14.88
C ASN A 240 -12.87 3.77 15.79
N PRO A 241 -11.79 3.17 15.25
CA PRO A 241 -10.95 2.29 16.08
C PRO A 241 -10.16 3.03 17.17
N GLN A 242 -9.82 2.30 18.23
CA GLN A 242 -9.02 2.83 19.33
C GLN A 242 -7.71 2.02 19.31
N ARG A 243 -6.66 2.56 19.90
CA ARG A 243 -5.36 1.88 19.89
C ARG A 243 -5.31 0.57 20.71
N PHE A 244 -4.86 -0.52 20.09
CA PHE A 244 -4.72 -1.79 20.79
C PHE A 244 -3.41 -1.74 21.59
N ASP A 245 -3.46 -2.04 22.89
CA ASP A 245 -2.24 -2.02 23.69
C ASP A 245 -1.50 -3.36 23.58
N ARG A 246 -0.35 -3.35 22.91
CA ARG A 246 0.44 -4.56 22.77
C ARG A 246 1.91 -4.25 22.64
N ILE A 247 2.31 -3.17 23.29
CA ILE A 247 3.69 -2.73 23.27
C ILE A 247 4.62 -3.83 23.78
N ALA A 248 4.26 -4.46 24.89
CA ALA A 248 5.11 -5.51 25.45
C ALA A 248 5.17 -6.72 24.52
N HIS A 249 4.05 -7.02 23.87
CA HIS A 249 4.02 -8.18 22.97
C HIS A 249 4.95 -7.98 21.77
N THR A 250 4.93 -6.78 21.18
CA THR A 250 5.79 -6.48 20.04
C THR A 250 7.27 -6.57 20.44
N LYS A 251 7.62 -5.97 21.57
CA LYS A 251 9.00 -5.99 22.06
C LYS A 251 9.57 -7.41 22.20
N GLU A 252 8.74 -8.32 22.69
CA GLU A 252 9.14 -9.70 22.90
C GLU A 252 9.24 -10.55 21.64
N THR A 253 8.52 -10.19 20.58
CA THR A 253 8.50 -11.00 19.35
C THR A 253 9.03 -10.43 18.03
N MET A 254 9.11 -9.11 17.88
CA MET A 254 9.52 -8.52 16.62
C MET A 254 10.85 -8.94 15.97
N LEU A 255 11.87 -9.25 16.76
CA LEU A 255 13.15 -9.63 16.17
C LEU A 255 13.25 -11.10 15.73
N SER A 256 12.26 -11.91 16.08
CA SER A 256 12.27 -13.31 15.69
C SER A 256 11.04 -13.70 14.86
N ASP A 257 10.15 -12.73 14.61
CA ASP A 257 8.95 -12.95 13.82
C ASP A 257 8.78 -11.84 12.79
N GLY A 258 9.07 -12.14 11.53
CA GLY A 258 8.98 -11.15 10.47
C GLY A 258 9.68 -11.62 9.20
N LEU A 259 10.39 -10.71 8.56
CA LEU A 259 11.13 -11.04 7.33
C LEU A 259 12.01 -12.27 7.53
N ASN A 260 12.69 -12.36 8.67
CA ASN A 260 13.59 -13.49 8.91
C ASN A 260 12.97 -14.82 9.28
N SER A 261 11.64 -14.90 9.31
CA SER A 261 10.97 -16.16 9.60
C SER A 261 9.90 -16.43 8.54
N LEU A 262 9.88 -15.60 7.50
CA LEU A 262 8.91 -15.71 6.42
C LEU A 262 9.10 -16.89 5.46
N THR A 263 8.06 -17.71 5.34
CA THR A 263 8.04 -18.86 4.44
C THR A 263 6.67 -18.89 3.78
N TYR A 264 6.62 -19.31 2.52
CA TYR A 264 5.37 -19.34 1.76
C TYR A 264 5.64 -20.03 0.43
N MET A 265 4.58 -20.37 -0.28
CA MET A 265 4.70 -21.02 -1.58
C MET A 265 3.97 -20.20 -2.65
N VAL A 266 4.66 -19.91 -3.74
CA VAL A 266 4.08 -19.15 -4.85
C VAL A 266 3.33 -20.16 -5.74
N LEU A 267 2.02 -19.99 -5.86
CA LEU A 267 1.22 -20.89 -6.68
C LEU A 267 1.10 -20.42 -8.12
N GLU A 268 1.18 -19.11 -8.34
CA GLU A 268 1.07 -18.60 -9.69
C GLU A 268 1.48 -17.13 -9.82
N VAL A 269 2.10 -16.80 -10.95
CA VAL A 269 2.53 -15.43 -11.24
C VAL A 269 1.94 -15.01 -12.58
N GLN A 270 1.04 -14.02 -12.56
CA GLN A 270 0.41 -13.56 -13.79
C GLN A 270 0.71 -12.08 -14.12
N ARG A 271 1.27 -11.86 -15.32
CA ARG A 271 1.60 -10.52 -15.80
C ARG A 271 0.47 -9.94 -16.66
N TYR A 272 -0.36 -9.06 -16.07
CA TYR A 272 -1.42 -8.42 -16.83
C TYR A 272 -0.91 -7.08 -17.35
N PRO A 273 -1.66 -6.45 -18.27
CA PRO A 273 -1.18 -5.16 -18.77
C PRO A 273 -1.01 -4.08 -17.71
N LEU A 274 -1.91 -4.04 -16.73
CA LEU A 274 -1.87 -3.00 -15.71
C LEU A 274 -1.32 -3.40 -14.32
N TYR A 275 -0.96 -4.66 -14.13
CA TYR A 275 -0.43 -5.12 -12.86
C TYR A 275 0.07 -6.55 -12.87
N THR A 276 0.79 -6.92 -11.82
CA THR A 276 1.30 -8.28 -11.65
C THR A 276 0.55 -8.90 -10.47
N LYS A 277 -0.12 -10.03 -10.72
CA LYS A 277 -0.86 -10.72 -9.68
C LYS A 277 -0.13 -11.98 -9.26
N ILE A 278 0.18 -12.08 -7.97
CA ILE A 278 0.90 -13.24 -7.43
C ILE A 278 0.03 -13.96 -6.41
N THR A 279 -0.39 -15.18 -6.73
CA THR A 279 -1.24 -15.99 -5.85
C THR A 279 -0.34 -16.85 -4.95
N VAL A 280 -0.54 -16.76 -3.64
CA VAL A 280 0.30 -17.48 -2.69
C VAL A 280 -0.39 -18.24 -1.55
N ASP A 281 0.26 -19.31 -1.09
CA ASP A 281 -0.23 -20.11 0.02
C ASP A 281 0.64 -19.70 1.21
N ILE A 282 0.10 -18.93 2.15
CA ILE A 282 0.88 -18.49 3.30
C ILE A 282 0.60 -19.31 4.54
N GLY A 283 0.11 -20.54 4.32
CA GLY A 283 -0.20 -21.43 5.44
C GLY A 283 1.01 -22.06 6.09
N THR A 284 2.20 -21.79 5.56
CA THR A 284 3.42 -22.33 6.12
C THR A 284 3.70 -21.60 7.43
N PRO A 285 4.44 -22.23 8.36
CA PRO A 285 4.78 -21.62 9.67
C PRO A 285 5.80 -20.49 9.60
N SER A 286 5.50 -19.38 10.28
CA SER A 286 6.40 -18.22 10.29
C SER A 286 6.41 -17.53 11.66
S SO4 B . 12.52 13.80 2.62
O1 SO4 B . 11.64 14.79 1.67
O2 SO4 B . 11.74 13.66 3.84
O3 SO4 B . 12.73 12.67 2.00
O4 SO4 B . 13.70 14.58 2.90
#